data_7R31
#
_entry.id   7R31
#
_cell.length_a   73.190
_cell.length_b   73.190
_cell.length_c   89.010
_cell.angle_alpha   90.000
_cell.angle_beta   90.000
_cell.angle_gamma   90.000
#
_symmetry.space_group_name_H-M   'P 41'
#
loop_
_entity.id
_entity.type
_entity.pdbx_description
1 polymer 'Membrane-associated protein slr1513'
2 non-polymer "ADENOSINE-5'-TRIPHOSPHATE"
3 non-polymer 'SODIUM ION'
4 non-polymer 'CHLORIDE ION'
5 non-polymer 'PENTAETHYLENE GLYCOL'
6 water water
#
_entity_poly.entity_id   1
_entity_poly.type   'polypeptide(L)'
_entity_poly.pdbx_seq_one_letter_code
;MAKPANKLVIVTEKILLKKIAKIIDESGAKGYTVMNTGGKGSRNVRSSGQPNTSDIEANIKFEILTETREMAEEIADRVA
VKYFNDYAGIIYICSAEVLYGHTFAGPEGASAWSHPQFEK
;
_entity_poly.pdbx_strand_id   A,B,C
#
loop_
_chem_comp.id
_chem_comp.type
_chem_comp.name
_chem_comp.formula
1PE non-polymer 'PENTAETHYLENE GLYCOL' 'C10 H22 O6'
ATP non-polymer ADENOSINE-5'-TRIPHOSPHATE 'C10 H16 N5 O13 P3'
CL non-polymer 'CHLORIDE ION' 'Cl -1'
NA non-polymer 'SODIUM ION' 'Na 1'
#
# COMPACT_ATOMS: atom_id res chain seq x y z
N LYS A 3 -11.62 -14.76 8.03
CA LYS A 3 -11.93 -14.14 9.38
C LYS A 3 -11.70 -12.56 9.35
N PRO A 4 -12.73 -11.78 9.87
CA PRO A 4 -12.91 -10.28 9.70
C PRO A 4 -12.11 -9.21 10.52
N ALA A 5 -10.87 -8.92 10.14
CA ALA A 5 -9.91 -8.33 11.01
C ALA A 5 -9.70 -6.80 10.84
N ASN A 6 -9.00 -6.18 11.79
CA ASN A 6 -8.59 -4.83 11.69
C ASN A 6 -7.19 -4.76 11.21
N LYS A 7 -6.92 -3.91 10.26
CA LYS A 7 -5.56 -3.64 9.88
C LYS A 7 -5.23 -2.25 10.37
N LEU A 8 -4.42 -2.25 11.41
CA LEU A 8 -4.02 -1.00 12.03
C LEU A 8 -2.75 -0.47 11.29
N VAL A 9 -2.75 0.78 10.90
CA VAL A 9 -1.62 1.39 10.19
C VAL A 9 -1.11 2.54 11.03
N ILE A 10 0.23 2.48 11.23
CA ILE A 10 0.97 3.53 11.98
C ILE A 10 2.04 4.04 11.05
N VAL A 11 1.92 5.34 10.69
CA VAL A 11 2.99 6.00 9.96
C VAL A 11 3.68 6.94 10.89
N THR A 12 4.98 6.79 11.11
CA THR A 12 5.63 7.69 12.10
C THR A 12 7.13 7.76 11.81
N GLU A 13 7.88 8.52 12.60
CA GLU A 13 9.28 8.75 12.33
C GLU A 13 10.08 7.47 12.49
N LYS A 14 10.99 7.24 11.53
CA LYS A 14 11.71 5.99 11.49
C LYS A 14 12.43 5.70 12.81
N ILE A 15 12.90 6.76 13.49
CA ILE A 15 13.63 6.60 14.74
C ILE A 15 12.82 5.83 15.80
N LEU A 16 11.48 5.76 15.67
CA LEU A 16 10.69 5.07 16.68
C LEU A 16 10.46 3.54 16.37
N LEU A 17 11.11 3.00 15.33
CA LEU A 17 10.93 1.64 14.95
C LEU A 17 10.87 0.69 16.16
N LYS A 18 11.96 0.61 16.92
CA LYS A 18 12.13 -0.41 17.98
C LYS A 18 11.08 -0.23 19.11
N LYS A 19 10.85 1.01 19.45
CA LYS A 19 9.91 1.36 20.51
C LYS A 19 8.48 0.96 20.13
N ILE A 20 8.08 1.20 18.88
CA ILE A 20 6.72 0.83 18.47
C ILE A 20 6.61 -0.68 18.32
N ALA A 21 7.64 -1.33 17.80
CA ALA A 21 7.64 -2.80 17.70
C ALA A 21 7.43 -3.39 19.09
N LYS A 22 7.98 -2.74 20.13
CA LYS A 22 7.83 -3.32 21.45
C LYS A 22 6.39 -3.14 21.92
N ILE A 23 5.81 -1.97 21.66
CA ILE A 23 4.42 -1.73 21.97
C ILE A 23 3.52 -2.80 21.27
N ILE A 24 3.79 -3.02 19.99
CA ILE A 24 3.00 -4.00 19.24
C ILE A 24 3.14 -5.38 19.90
N ASP A 25 4.36 -5.80 20.19
CA ASP A 25 4.56 -7.11 20.83
C ASP A 25 3.90 -7.21 22.19
N GLU A 26 3.97 -6.16 23.00
CA GLU A 26 3.30 -6.20 24.32
C GLU A 26 1.78 -6.24 24.27
N SER A 27 1.20 -5.79 23.17
CA SER A 27 -0.28 -5.83 22.99
C SER A 27 -0.80 -7.19 22.74
N GLY A 28 0.07 -8.16 22.49
CA GLY A 28 -0.37 -9.53 22.11
C GLY A 28 -0.61 -9.72 20.60
N ALA A 29 -0.27 -8.73 19.78
CA ALA A 29 -0.42 -8.87 18.29
C ALA A 29 0.50 -9.95 17.81
N LYS A 30 0.03 -10.74 16.84
CA LYS A 30 0.77 -11.90 16.43
C LYS A 30 1.92 -11.55 15.46
N GLY A 31 1.94 -10.35 14.94
CA GLY A 31 2.99 -9.90 14.06
C GLY A 31 2.76 -8.54 13.56
N TYR A 32 3.63 -8.11 12.66
CA TYR A 32 3.50 -6.80 12.02
C TYR A 32 4.36 -6.83 10.74
N THR A 33 4.03 -5.91 9.82
CA THR A 33 4.73 -5.66 8.61
C THR A 33 5.20 -4.20 8.62
N VAL A 34 6.46 -3.91 8.28
CA VAL A 34 6.94 -2.52 8.34
C VAL A 34 7.71 -2.19 7.04
N MET A 35 7.43 -0.98 6.56
CA MET A 35 7.92 -0.49 5.22
C MET A 35 8.64 0.89 5.60
N ASN A 36 9.68 1.25 4.88
CA ASN A 36 10.14 2.63 4.81
C ASN A 36 9.18 3.46 3.95
N THR A 37 8.99 4.72 4.33
CA THR A 37 8.23 5.60 3.51
C THR A 37 8.87 7.02 3.51
N GLY A 38 8.45 7.81 2.54
CA GLY A 38 8.48 9.26 2.68
C GLY A 38 7.10 9.80 2.94
N GLY A 39 6.99 11.10 2.92
CA GLY A 39 5.79 11.70 3.28
C GLY A 39 5.87 13.18 3.55
N LYS A 40 4.67 13.74 3.72
CA LYS A 40 4.41 15.12 4.19
C LYS A 40 3.19 15.14 5.04
N GLY A 41 3.17 16.00 6.07
CA GLY A 41 2.00 16.21 6.84
C GLY A 41 1.75 17.65 7.18
N SER A 42 0.67 17.88 7.91
CA SER A 42 0.34 19.24 8.30
C SER A 42 0.41 19.51 9.79
N ARG A 43 0.77 18.57 10.65
CA ARG A 43 0.96 18.87 12.09
C ARG A 43 2.20 19.70 12.32
N ASN A 44 3.21 19.56 11.46
CA ASN A 44 4.45 20.37 11.59
C ASN A 44 5.03 20.26 13.01
N VAL A 45 5.12 19.01 13.44
CA VAL A 45 5.73 18.64 14.68
C VAL A 45 7.16 18.09 14.50
N ARG A 46 7.48 17.53 13.33
CA ARG A 46 8.74 16.76 13.19
C ARG A 46 9.87 17.78 13.59
N SER A 47 10.77 17.38 14.48
CA SER A 47 11.78 18.28 14.98
C SER A 47 12.74 18.79 13.86
N SER A 48 12.94 18.00 12.81
CA SER A 48 13.89 18.30 11.74
C SER A 48 13.21 18.93 10.52
N GLY A 49 11.91 19.24 10.65
CA GLY A 49 11.14 19.85 9.56
C GLY A 49 10.63 18.85 8.54
N GLN A 50 9.98 19.35 7.51
CA GLN A 50 9.48 18.46 6.48
C GLN A 50 10.62 17.72 5.79
N PRO A 51 10.45 16.41 5.55
CA PRO A 51 11.43 15.65 4.76
C PRO A 51 11.56 16.08 3.34
N ASN A 52 12.71 15.78 2.72
CA ASN A 52 12.95 16.06 1.31
C ASN A 52 11.92 15.22 0.54
N THR A 53 11.39 15.78 -0.55
CA THR A 53 10.41 15.06 -1.35
C THR A 53 11.03 13.72 -1.80
N SER A 54 12.35 13.64 -2.03
CA SER A 54 12.97 12.41 -2.53
C SER A 54 13.32 11.44 -1.40
N ASP A 55 13.13 11.82 -0.12
CA ASP A 55 13.57 10.95 0.97
C ASP A 55 12.44 9.94 1.29
N ILE A 56 12.63 8.71 0.81
CA ILE A 56 11.63 7.68 1.00
C ILE A 56 12.02 6.75 2.21
N GLU A 57 12.76 7.32 3.17
CA GLU A 57 13.08 6.64 4.41
C GLU A 57 12.98 7.55 5.61
N ALA A 58 12.28 8.69 5.54
CA ALA A 58 11.99 9.53 6.69
C ALA A 58 11.08 8.91 7.75
N ASN A 59 10.18 8.07 7.26
CA ASN A 59 9.18 7.45 8.05
C ASN A 59 9.27 5.94 7.99
N ILE A 60 8.61 5.31 8.98
CA ILE A 60 8.23 3.89 8.84
C ILE A 60 6.73 3.78 8.86
N LYS A 61 6.17 2.78 8.15
CA LYS A 61 4.79 2.45 8.17
C LYS A 61 4.66 1.00 8.69
N PHE A 62 4.01 0.85 9.81
CA PHE A 62 3.61 -0.46 10.32
C PHE A 62 2.21 -0.81 9.87
N GLU A 63 1.98 -2.07 9.50
CA GLU A 63 0.67 -2.64 9.28
C GLU A 63 0.58 -3.83 10.24
N ILE A 64 -0.46 -3.79 11.06
CA ILE A 64 -0.64 -4.80 12.09
C ILE A 64 -2.03 -5.35 11.91
N LEU A 65 -2.19 -6.60 11.59
CA LEU A 65 -3.51 -7.28 11.52
C LEU A 65 -3.78 -7.74 12.93
N THR A 66 -4.80 -7.18 13.56
CA THR A 66 -4.96 -7.48 15.01
C THR A 66 -6.04 -8.49 15.20
N GLU A 67 -5.98 -9.15 16.37
CA GLU A 67 -6.99 -10.14 16.84
C GLU A 67 -8.37 -9.55 17.07
N THR A 68 -8.41 -8.35 17.58
CA THR A 68 -9.62 -7.63 17.87
C THR A 68 -9.43 -6.15 17.62
N ARG A 69 -10.54 -5.45 17.64
CA ARG A 69 -10.50 -3.96 17.60
C ARG A 69 -9.85 -3.42 18.86
N GLU A 70 -10.06 -4.11 20.00
CA GLU A 70 -9.46 -3.68 21.32
C GLU A 70 -7.94 -3.67 21.26
N MET A 71 -7.37 -4.67 20.57
CA MET A 71 -5.92 -4.77 20.48
C MET A 71 -5.40 -3.65 19.60
N ALA A 72 -6.04 -3.35 18.48
CA ALA A 72 -5.65 -2.29 17.61
C ALA A 72 -5.65 -0.94 18.37
N GLU A 73 -6.72 -0.72 19.08
CA GLU A 73 -6.89 0.48 19.90
C GLU A 73 -5.83 0.61 20.97
N GLU A 74 -5.42 -0.52 21.60
CA GLU A 74 -4.41 -0.46 22.64
C GLU A 74 -3.10 0.04 22.04
N ILE A 75 -2.74 -0.54 20.90
CA ILE A 75 -1.49 -0.16 20.25
C ILE A 75 -1.60 1.31 19.91
N ALA A 76 -2.65 1.73 19.21
CA ALA A 76 -2.81 3.11 18.74
C ALA A 76 -2.71 4.10 19.88
N ASP A 77 -3.48 3.84 20.95
CA ASP A 77 -3.53 4.75 22.06
C ASP A 77 -2.13 4.82 22.69
N ARG A 78 -1.47 3.70 22.87
CA ARG A 78 -0.13 3.71 23.46
C ARG A 78 0.83 4.61 22.61
N VAL A 79 0.78 4.46 21.31
CA VAL A 79 1.77 5.13 20.46
C VAL A 79 1.49 6.60 20.54
N ALA A 80 0.23 7.00 20.31
CA ALA A 80 -0.10 8.41 20.25
C ALA A 80 0.14 9.14 21.52
N VAL A 81 -0.31 8.54 22.61
CA VAL A 81 -0.21 9.18 23.90
C VAL A 81 1.23 9.36 24.28
N LYS A 82 2.06 8.38 24.02
CA LYS A 82 3.47 8.41 24.46
C LYS A 82 4.26 9.33 23.50
N TYR A 83 3.99 9.34 22.21
CA TYR A 83 4.90 9.96 21.22
C TYR A 83 4.40 11.10 20.38
N PHE A 84 3.10 11.28 20.18
CA PHE A 84 2.65 12.24 19.14
C PHE A 84 2.73 13.73 19.53
N ASN A 85 3.01 14.03 20.78
CA ASN A 85 3.29 15.42 21.10
C ASN A 85 4.61 15.86 20.52
N ASP A 86 5.56 14.94 20.50
CA ASP A 86 6.96 15.17 20.11
C ASP A 86 7.40 14.68 18.75
N TYR A 87 6.63 13.77 18.17
CA TYR A 87 7.00 13.07 16.98
C TYR A 87 5.83 13.12 15.99
N ALA A 88 6.18 13.23 14.72
CA ALA A 88 5.26 13.14 13.60
C ALA A 88 4.66 11.75 13.45
N GLY A 89 3.39 11.70 13.02
CA GLY A 89 2.79 10.43 12.68
C GLY A 89 1.29 10.51 12.64
N ILE A 90 0.71 9.48 12.02
CA ILE A 90 -0.72 9.37 11.90
CA ILE A 90 -0.71 9.38 11.88
C ILE A 90 -1.02 7.86 12.08
N ILE A 91 -2.22 7.54 12.55
CA ILE A 91 -2.61 6.18 12.78
C ILE A 91 -4.05 6.01 12.32
N TYR A 92 -4.34 4.96 11.59
CA TYR A 92 -5.66 4.70 11.07
C TYR A 92 -5.87 3.16 10.96
N ILE A 93 -7.10 2.83 10.73
CA ILE A 93 -7.50 1.44 10.60
C ILE A 93 -8.27 1.23 9.28
N CYS A 94 -7.97 0.09 8.63
CA CYS A 94 -8.64 -0.42 7.38
C CYS A 94 -9.22 -1.80 7.75
N SER A 95 -10.32 -2.24 7.11
CA SER A 95 -10.97 -3.52 7.41
C SER A 95 -10.30 -4.48 6.53
N ALA A 96 -9.97 -5.66 7.05
CA ALA A 96 -9.39 -6.68 6.22
C ALA A 96 -9.99 -8.01 6.51
N GLU A 97 -10.04 -8.84 5.53
CA GLU A 97 -10.49 -10.17 5.75
C GLU A 97 -9.25 -11.04 5.55
N VAL A 98 -8.83 -11.76 6.58
CA VAL A 98 -7.72 -12.72 6.46
C VAL A 98 -8.11 -14.01 5.81
N LEU A 99 -7.41 -14.44 4.73
CA LEU A 99 -7.68 -15.64 4.09
C LEU A 99 -6.75 -16.82 4.51
N TYR A 100 -5.48 -16.44 4.80
CA TYR A 100 -4.42 -17.43 5.11
C TYR A 100 -3.54 -16.69 6.11
N GLY A 101 -3.48 -17.22 7.31
CA GLY A 101 -3.54 -16.39 8.52
C GLY A 101 -3.07 -17.16 9.75
N LYS B 3 -12.49 8.86 13.05
CA LYS B 3 -13.22 9.59 11.94
C LYS B 3 -13.04 8.87 10.59
N PRO B 4 -14.18 8.56 9.87
CA PRO B 4 -13.99 7.85 8.57
C PRO B 4 -13.30 8.75 7.53
N ALA B 5 -12.52 8.14 6.67
CA ALA B 5 -11.86 8.90 5.71
C ALA B 5 -11.65 8.10 4.45
N ASN B 6 -11.43 8.79 3.35
CA ASN B 6 -11.04 8.16 2.14
C ASN B 6 -9.52 8.08 2.09
N LYS B 7 -9.01 6.89 1.78
CA LYS B 7 -7.58 6.68 1.54
C LYS B 7 -7.44 6.54 0.03
N LEU B 8 -6.96 7.61 -0.61
CA LEU B 8 -6.65 7.60 -2.05
C LEU B 8 -5.30 6.95 -2.28
N VAL B 9 -5.26 5.98 -3.21
CA VAL B 9 -3.98 5.34 -3.53
C VAL B 9 -3.65 5.56 -4.98
N ILE B 10 -2.43 6.07 -5.20
CA ILE B 10 -1.95 6.34 -6.58
C ILE B 10 -0.69 5.49 -6.71
N VAL B 11 -0.66 4.53 -7.64
CA VAL B 11 0.55 3.80 -7.91
C VAL B 11 0.97 4.21 -9.32
N THR B 12 2.18 4.75 -9.45
CA THR B 12 2.63 5.30 -10.73
C THR B 12 4.13 5.31 -10.80
N GLU B 13 4.68 5.80 -11.94
CA GLU B 13 6.07 5.82 -12.12
C GLU B 13 6.79 6.69 -11.09
N LYS B 14 7.88 6.19 -10.54
CA LYS B 14 8.64 6.89 -9.54
C LYS B 14 9.08 8.31 -10.00
N ILE B 15 9.29 8.49 -11.29
CA ILE B 15 9.73 9.77 -11.82
C ILE B 15 8.62 10.83 -11.74
N LEU B 16 7.38 10.46 -11.39
CA LEU B 16 6.32 11.45 -11.20
C LEU B 16 6.18 11.95 -9.76
N LEU B 17 7.10 11.61 -8.89
CA LEU B 17 6.92 11.88 -7.47
C LEU B 17 6.60 13.36 -7.20
N LYS B 18 7.44 14.26 -7.66
CA LYS B 18 7.29 15.66 -7.34
C LYS B 18 6.02 16.19 -8.06
N LYS B 19 5.78 15.73 -9.27
CA LYS B 19 4.59 16.18 -10.07
C LYS B 19 3.31 15.84 -9.29
N ILE B 20 3.21 14.65 -8.73
CA ILE B 20 2.00 14.22 -8.01
C ILE B 20 1.92 14.88 -6.64
N ALA B 21 3.05 15.07 -5.99
CA ALA B 21 3.04 15.82 -4.75
C ALA B 21 2.50 17.26 -4.94
N LYS B 22 2.83 17.85 -6.10
CA LYS B 22 2.35 19.20 -6.42
C LYS B 22 0.79 19.18 -6.49
N ILE B 23 0.20 18.21 -7.19
CA ILE B 23 -1.24 18.06 -7.29
C ILE B 23 -1.85 17.83 -5.95
N ILE B 24 -1.25 16.98 -5.16
CA ILE B 24 -1.79 16.76 -3.84
C ILE B 24 -1.80 18.03 -3.04
N ASP B 25 -0.69 18.74 -2.96
CA ASP B 25 -0.62 19.99 -2.24
C ASP B 25 -1.65 20.98 -2.72
N GLU B 26 -1.80 21.14 -4.04
CA GLU B 26 -2.69 22.12 -4.59
C GLU B 26 -4.20 21.74 -4.31
N SER B 27 -4.48 20.48 -4.08
CA SER B 27 -5.87 20.02 -3.86
C SER B 27 -6.42 20.42 -2.52
N GLY B 28 -5.58 20.83 -1.56
CA GLY B 28 -6.00 21.11 -0.18
C GLY B 28 -5.75 19.88 0.75
N ALA B 29 -5.27 18.76 0.21
CA ALA B 29 -5.02 17.62 1.07
C ALA B 29 -3.90 17.94 2.06
N LYS B 30 -3.96 17.35 3.26
CA LYS B 30 -3.12 17.78 4.37
C LYS B 30 -1.78 17.03 4.38
N GLY B 31 -1.66 15.97 3.61
CA GLY B 31 -0.42 15.24 3.58
C GLY B 31 -0.55 14.06 2.67
N TYR B 32 0.52 13.27 2.64
CA TYR B 32 0.53 12.05 1.90
C TYR B 32 1.71 11.19 2.43
N THR B 33 1.59 9.91 2.21
CA THR B 33 2.63 8.94 2.49
C THR B 33 3.05 8.30 1.15
N VAL B 34 4.37 8.08 0.95
CA VAL B 34 4.76 7.49 -0.30
C VAL B 34 5.84 6.42 -0.09
N MET B 35 5.69 5.33 -0.86
CA MET B 35 6.58 4.20 -0.79
C MET B 35 7.14 3.87 -2.18
N ASN B 36 8.32 3.33 -2.18
CA ASN B 36 8.90 2.76 -3.44
C ASN B 36 8.21 1.42 -3.69
N THR B 37 7.97 1.10 -4.95
CA THR B 37 7.45 -0.22 -5.29
C THR B 37 7.99 -0.67 -6.62
N GLY B 38 7.82 -1.95 -6.85
CA GLY B 38 7.85 -2.53 -8.17
C GLY B 38 6.45 -2.93 -8.60
N GLY B 39 6.36 -3.61 -9.74
CA GLY B 39 5.07 -4.04 -10.22
C GLY B 39 5.04 -4.35 -11.67
N LYS B 40 3.85 -4.72 -12.12
CA LYS B 40 3.58 -4.98 -13.53
C LYS B 40 2.15 -4.60 -13.81
N GLY B 41 1.88 -4.07 -15.00
CA GLY B 41 0.57 -3.75 -15.45
C GLY B 41 0.32 -4.21 -16.85
N SER B 42 -0.85 -3.92 -17.37
CA SER B 42 -1.26 -4.34 -18.66
C SER B 42 -1.55 -3.19 -19.59
N ARG B 43 -1.50 -1.93 -19.14
CA ARG B 43 -1.69 -0.82 -20.07
C ARG B 43 -0.55 -0.64 -21.06
N ASN B 44 0.63 -1.14 -20.70
CA ASN B 44 1.81 -1.05 -21.51
C ASN B 44 2.04 0.35 -22.12
N VAL B 45 2.10 1.30 -21.22
CA VAL B 45 2.41 2.70 -21.60
C VAL B 45 3.68 3.19 -21.01
N ARG B 46 4.32 2.47 -20.09
N ARG B 46 4.28 2.43 -20.06
CA ARG B 46 5.61 2.96 -19.64
CA ARG B 46 5.38 2.94 -19.18
C ARG B 46 6.55 3.06 -20.88
C ARG B 46 6.33 3.80 -19.98
N SER B 47 7.15 4.24 -21.04
N SER B 47 6.63 4.98 -19.44
CA SER B 47 7.93 4.52 -22.28
CA SER B 47 7.44 5.96 -20.14
C SER B 47 9.11 3.57 -22.39
C SER B 47 8.78 5.46 -20.63
N SER B 48 9.53 2.96 -21.29
N SER B 48 9.51 4.72 -19.80
CA SER B 48 10.77 2.16 -21.29
CA SER B 48 10.64 3.93 -20.26
C SER B 48 10.44 0.67 -21.13
C SER B 48 10.12 2.61 -20.86
N GLY B 49 9.16 0.31 -21.32
N GLY B 49 10.30 1.50 -20.13
CA GLY B 49 8.71 -1.09 -21.17
CA GLY B 49 9.79 0.20 -20.55
C GLY B 49 8.44 -1.56 -19.74
C GLY B 49 9.46 -0.66 -19.33
N GLN B 50 8.05 -2.83 -19.59
N GLN B 50 8.67 -1.72 -19.55
CA GLN B 50 7.78 -3.34 -18.22
CA GLN B 50 8.18 -2.64 -18.47
C GLN B 50 9.09 -3.30 -17.41
C GLN B 50 9.29 -3.03 -17.47
N PRO B 51 9.06 -2.83 -16.15
CA PRO B 51 10.29 -2.90 -15.30
C PRO B 51 10.76 -4.33 -15.00
N ASN B 52 12.04 -4.50 -14.66
CA ASN B 52 12.52 -5.82 -14.23
C ASN B 52 11.71 -6.25 -13.02
N THR B 53 11.51 -7.56 -12.88
CA THR B 53 10.75 -8.09 -11.75
C THR B 53 11.48 -7.80 -10.44
N SER B 54 12.80 -7.82 -10.50
CA SER B 54 13.66 -7.41 -9.38
C SER B 54 13.63 -5.92 -9.01
N ASP B 55 13.10 -5.08 -9.91
CA ASP B 55 13.16 -3.61 -9.69
C ASP B 55 12.01 -3.13 -8.81
N ILE B 56 12.30 -2.84 -7.52
CA ILE B 56 11.27 -2.53 -6.56
C ILE B 56 11.36 -1.03 -6.27
N GLU B 57 11.88 -0.30 -7.27
CA GLU B 57 11.85 1.15 -7.24
C GLU B 57 11.43 1.77 -8.60
N ALA B 58 10.76 0.99 -9.49
CA ALA B 58 10.24 1.55 -10.71
C ALA B 58 9.12 2.55 -10.49
N ASN B 59 8.35 2.24 -9.45
CA ASN B 59 7.18 2.93 -9.06
C ASN B 59 7.20 3.59 -7.72
N ILE B 60 6.24 4.48 -7.55
CA ILE B 60 5.90 5.00 -6.22
C ILE B 60 4.44 4.75 -5.96
N LYS B 61 4.16 4.53 -4.67
CA LYS B 61 2.78 4.41 -4.21
C LYS B 61 2.47 5.50 -3.23
N PHE B 62 1.51 6.36 -3.57
CA PHE B 62 1.05 7.38 -2.63
C PHE B 62 -0.17 6.86 -1.93
N GLU B 63 -0.26 7.21 -0.66
CA GLU B 63 -1.49 6.99 0.09
C GLU B 63 -1.82 8.38 0.66
N ILE B 64 -3.05 8.85 0.39
CA ILE B 64 -3.49 10.19 0.72
C ILE B 64 -4.80 10.13 1.45
N LEU B 65 -4.81 10.45 2.75
CA LEU B 65 -6.08 10.43 3.55
C LEU B 65 -6.65 11.80 3.24
N THR B 66 -7.82 11.84 2.62
CA THR B 66 -8.35 13.14 2.11
C THR B 66 -9.41 13.66 2.99
N GLU B 67 -9.64 14.99 2.88
CA GLU B 67 -10.59 15.64 3.77
C GLU B 67 -12.04 15.18 3.48
N THR B 68 -12.33 14.83 2.21
CA THR B 68 -13.65 14.43 1.67
C THR B 68 -13.48 13.47 0.47
N ARG B 69 -14.56 12.83 0.04
CA ARG B 69 -14.54 12.03 -1.15
C ARG B 69 -14.23 12.90 -2.39
N GLU B 70 -14.82 14.07 -2.42
CA GLU B 70 -14.67 14.95 -3.58
C GLU B 70 -13.22 15.36 -3.73
N MET B 71 -12.53 15.56 -2.63
CA MET B 71 -11.12 15.92 -2.71
C MET B 71 -10.32 14.76 -3.35
N ALA B 72 -10.60 13.49 -2.95
CA ALA B 72 -9.91 12.37 -3.46
C ALA B 72 -10.14 12.26 -4.95
N GLU B 73 -11.38 12.46 -5.35
CA GLU B 73 -11.71 12.39 -6.78
C GLU B 73 -11.05 13.48 -7.59
N GLU B 74 -10.95 14.67 -7.01
CA GLU B 74 -10.29 15.80 -7.67
C GLU B 74 -8.82 15.49 -7.98
N ILE B 75 -8.13 15.00 -6.97
CA ILE B 75 -6.77 14.59 -7.12
C ILE B 75 -6.65 13.51 -8.19
N ALA B 76 -7.44 12.46 -8.10
CA ALA B 76 -7.39 11.33 -9.04
C ALA B 76 -7.57 11.85 -10.48
N ASP B 77 -8.60 12.65 -10.67
CA ASP B 77 -9.00 13.11 -12.00
C ASP B 77 -7.88 13.93 -12.61
N ARG B 78 -7.20 14.78 -11.80
CA ARG B 78 -6.14 15.62 -12.35
C ARG B 78 -4.88 14.82 -12.65
N VAL B 79 -4.51 13.90 -11.76
CA VAL B 79 -3.40 13.02 -12.11
C VAL B 79 -3.60 12.25 -13.40
N ALA B 80 -4.77 11.63 -13.51
CA ALA B 80 -5.03 10.80 -14.61
C ALA B 80 -5.06 11.58 -15.91
N VAL B 81 -5.80 12.70 -16.03
CA VAL B 81 -5.92 13.38 -17.25
C VAL B 81 -4.55 13.98 -17.64
N LYS B 82 -3.78 14.41 -16.61
CA LYS B 82 -2.51 15.13 -16.95
C LYS B 82 -1.42 14.17 -17.42
N TYR B 83 -1.40 12.98 -16.81
CA TYR B 83 -0.28 12.05 -16.95
C TYR B 83 -0.50 10.63 -17.50
N PHE B 84 -1.69 10.05 -17.40
CA PHE B 84 -1.82 8.60 -17.67
C PHE B 84 -1.84 8.25 -19.15
N ASN B 85 -1.90 9.19 -20.08
CA ASN B 85 -1.67 8.80 -21.46
C ASN B 85 -0.17 8.58 -21.75
N ASP B 86 0.68 9.20 -20.97
CA ASP B 86 2.10 9.13 -21.23
C ASP B 86 2.90 8.31 -20.20
N TYR B 87 2.29 8.04 -19.05
CA TYR B 87 2.92 7.38 -17.92
C TYR B 87 2.03 6.24 -17.44
N ALA B 88 2.68 5.21 -16.96
CA ALA B 88 2.01 4.12 -16.28
C ALA B 88 1.44 4.51 -14.96
N GLY B 89 0.33 3.86 -14.55
CA GLY B 89 -0.25 4.11 -13.25
C GLY B 89 -1.73 3.82 -13.15
N ILE B 90 -2.11 3.55 -11.91
CA ILE B 90 -3.52 3.24 -11.55
C ILE B 90 -3.87 4.00 -10.25
N ILE B 91 -5.15 4.19 -10.00
CA ILE B 91 -5.64 4.96 -8.87
C ILE B 91 -6.89 4.32 -8.32
N TYR B 92 -6.89 4.10 -7.00
CA TYR B 92 -8.05 3.54 -6.35
C TYR B 92 -8.27 4.17 -4.96
N ILE B 93 -9.35 3.84 -4.33
CA ILE B 93 -9.66 4.30 -3.00
C ILE B 93 -10.11 3.20 -2.12
N CYS B 94 -9.64 3.33 -0.89
CA CYS B 94 -9.94 2.37 0.24
C CYS B 94 -10.56 3.23 1.36
N SER B 95 -11.34 2.61 2.19
CA SER B 95 -12.00 3.30 3.28
C SER B 95 -11.11 3.17 4.50
N ALA B 96 -10.94 4.26 5.27
CA ALA B 96 -10.06 4.21 6.42
C ALA B 96 -10.72 4.92 7.57
N GLU B 97 -10.45 4.51 8.78
CA GLU B 97 -10.92 5.23 9.94
C GLU B 97 -9.63 5.83 10.62
N VAL B 98 -9.57 7.16 10.72
CA VAL B 98 -8.43 7.83 11.35
C VAL B 98 -8.57 7.88 12.81
N LEU B 99 -7.63 7.29 13.58
CA LEU B 99 -7.62 7.32 14.96
C LEU B 99 -6.83 8.52 15.66
N TYR B 100 -5.67 8.80 15.10
CA TYR B 100 -4.82 9.85 15.66
C TYR B 100 -4.04 10.42 14.51
N GLY B 101 -3.69 11.68 14.70
CA GLY B 101 -2.90 12.44 13.70
C GLY B 101 -3.87 13.45 13.10
N HIS B 102 -3.62 13.94 11.91
CA HIS B 102 -4.78 14.30 10.99
C HIS B 102 -6.12 14.44 11.68
N LYS C 3 -15.92 1.87 -9.15
CA LYS C 3 -16.21 0.42 -9.41
C LYS C 3 -15.49 -0.51 -8.38
N PRO C 4 -16.23 -1.43 -7.70
CA PRO C 4 -15.62 -2.13 -6.64
C PRO C 4 -14.63 -3.16 -7.13
N ALA C 5 -13.61 -3.39 -6.33
CA ALA C 5 -12.63 -4.40 -6.67
C ALA C 5 -12.12 -4.95 -5.36
N ASN C 6 -11.62 -6.15 -5.37
CA ASN C 6 -10.92 -6.75 -4.25
C ASN C 6 -9.45 -6.41 -4.37
N LYS C 7 -8.84 -5.98 -3.27
CA LYS C 7 -7.45 -5.75 -3.20
C LYS C 7 -6.84 -6.91 -2.38
N LEU C 8 -6.24 -7.86 -3.07
CA LEU C 8 -5.60 -9.02 -2.41
C LEU C 8 -4.18 -8.60 -2.02
N VAL C 9 -3.85 -8.88 -0.75
CA VAL C 9 -2.52 -8.61 -0.23
C VAL C 9 -1.85 -9.92 0.19
N ILE C 10 -0.64 -10.07 -0.27
CA ILE C 10 0.21 -11.23 0.07
C ILE C 10 1.50 -10.69 0.64
N VAL C 11 1.77 -10.99 1.91
CA VAL C 11 3.04 -10.64 2.54
C VAL C 11 3.78 -11.98 2.68
N THR C 12 4.94 -12.06 2.07
CA THR C 12 5.67 -13.29 2.07
C THR C 12 7.16 -13.07 1.90
N GLU C 13 7.88 -14.18 1.69
CA GLU C 13 9.30 -14.13 1.57
C GLU C 13 9.73 -13.64 0.22
N LYS C 14 10.77 -12.84 0.23
CA LYS C 14 11.25 -12.19 -0.98
C LYS C 14 11.65 -13.17 -2.07
N ILE C 15 12.21 -14.32 -1.70
CA ILE C 15 12.65 -15.27 -2.67
C ILE C 15 11.50 -15.83 -3.57
N LEU C 16 10.26 -15.67 -3.13
CA LEU C 16 9.10 -16.12 -3.88
C LEU C 16 8.59 -15.09 -4.93
N LEU C 17 9.25 -13.93 -5.04
CA LEU C 17 8.79 -12.85 -5.95
C LEU C 17 8.39 -13.34 -7.37
N LYS C 18 9.30 -13.98 -8.05
CA LYS C 18 8.97 -14.35 -9.46
C LYS C 18 7.92 -15.45 -9.51
N LYS C 19 8.02 -16.35 -8.56
CA LYS C 19 7.06 -17.50 -8.51
C LYS C 19 5.61 -17.00 -8.32
N ILE C 20 5.44 -16.03 -7.44
CA ILE C 20 4.11 -15.50 -7.19
C ILE C 20 3.65 -14.61 -8.31
N ALA C 21 4.55 -13.85 -8.91
CA ALA C 21 4.20 -13.01 -10.09
C ALA C 21 3.66 -13.91 -11.18
N LYS C 22 4.16 -15.16 -11.32
CA LYS C 22 3.67 -16.07 -12.36
C LYS C 22 2.27 -16.53 -12.03
N ILE C 23 1.98 -16.85 -10.77
CA ILE C 23 0.65 -17.22 -10.37
C ILE C 23 -0.35 -16.09 -10.62
N ILE C 24 0.07 -14.87 -10.29
CA ILE C 24 -0.81 -13.71 -10.54
C ILE C 24 -1.15 -13.57 -12.00
N ASP C 25 -0.14 -13.66 -12.84
CA ASP C 25 -0.34 -13.58 -14.28
C ASP C 25 -1.27 -14.65 -14.78
N GLU C 26 -1.05 -15.89 -14.35
CA GLU C 26 -1.83 -17.01 -14.81
C GLU C 26 -3.29 -16.92 -14.38
N SER C 27 -3.58 -16.08 -13.39
CA SER C 27 -4.91 -15.91 -12.86
C SER C 27 -5.77 -15.07 -13.75
N GLY C 28 -5.15 -14.30 -14.66
CA GLY C 28 -5.90 -13.31 -15.44
C GLY C 28 -5.85 -11.91 -14.85
N ALA C 29 -5.27 -11.73 -13.66
CA ALA C 29 -5.14 -10.42 -13.11
C ALA C 29 -4.30 -9.54 -14.01
N LYS C 30 -4.68 -8.28 -14.11
CA LYS C 30 -4.07 -7.32 -15.05
C LYS C 30 -2.71 -6.82 -14.58
N GLY C 31 -2.42 -6.99 -13.31
CA GLY C 31 -1.15 -6.55 -12.77
C GLY C 31 -1.03 -6.78 -11.30
N TYR C 32 0.04 -6.27 -10.73
CA TYR C 32 0.28 -6.31 -9.31
C TYR C 32 1.28 -5.19 -8.94
N THR C 33 1.29 -4.80 -7.68
CA THR C 33 2.25 -3.92 -7.09
C THR C 33 2.98 -4.66 -5.97
N VAL C 34 4.30 -4.49 -5.92
CA VAL C 34 5.10 -5.22 -4.93
C VAL C 34 6.08 -4.26 -4.26
N MET C 35 6.19 -4.42 -2.94
CA MET C 35 7.00 -3.51 -2.08
C MET C 35 7.95 -4.41 -1.27
N ASN C 36 9.14 -3.90 -0.98
CA ASN C 36 10.02 -4.55 0.01
C ASN C 36 9.52 -4.18 1.40
N THR C 37 9.50 -5.11 2.33
CA THR C 37 9.14 -4.82 3.68
C THR C 37 9.95 -5.63 4.64
N GLY C 38 9.82 -5.33 5.93
CA GLY C 38 10.25 -6.15 7.03
C GLY C 38 9.03 -6.61 7.80
N GLY C 39 9.26 -7.41 8.81
CA GLY C 39 8.16 -7.86 9.63
C GLY C 39 8.50 -8.89 10.59
N LYS C 40 7.50 -9.27 11.37
CA LYS C 40 7.64 -10.33 12.34
C LYS C 40 6.32 -11.10 12.29
N GLY C 41 6.30 -12.42 12.48
CA GLY C 41 5.09 -13.19 12.47
C GLY C 41 5.11 -14.17 13.62
N SER C 42 4.01 -14.88 13.76
CA SER C 42 3.90 -15.91 14.78
C SER C 42 3.67 -17.30 14.18
N ARG C 43 3.60 -17.51 12.88
CA ARG C 43 3.53 -18.88 12.40
C ARG C 43 4.83 -19.62 12.64
N ASN C 44 5.95 -18.89 12.69
CA ASN C 44 7.31 -19.41 13.01
C ASN C 44 7.66 -20.54 12.09
N VAL C 45 7.47 -20.29 10.80
CA VAL C 45 7.92 -21.23 9.76
C VAL C 45 9.38 -20.82 9.39
N ARG C 46 9.58 -19.53 9.07
CA ARG C 46 10.93 -19.04 8.73
C ARG C 46 11.79 -18.75 9.95
N SER C 47 11.15 -18.17 10.97
CA SER C 47 11.87 -17.78 12.20
C SER C 47 10.93 -17.60 13.40
N SER C 48 11.45 -17.90 14.60
CA SER C 48 10.84 -17.52 15.89
C SER C 48 11.47 -16.20 16.36
N ILE C 56 18.35 -7.17 7.44
CA ILE C 56 17.77 -6.65 6.21
C ILE C 56 16.26 -6.93 6.23
N GLU C 57 15.55 -6.25 5.35
CA GLU C 57 14.19 -6.60 4.94
C GLU C 57 14.18 -7.93 4.13
N ALA C 58 13.39 -8.91 4.55
CA ALA C 58 13.33 -10.18 3.79
C ALA C 58 11.96 -10.49 3.35
N ASN C 59 11.06 -9.48 3.45
CA ASN C 59 9.77 -9.73 2.94
C ASN C 59 9.47 -8.92 1.71
N ILE C 60 8.48 -9.43 1.02
CA ILE C 60 7.77 -8.69 -0.01
C ILE C 60 6.30 -8.65 0.29
N LYS C 61 5.68 -7.57 -0.13
CA LYS C 61 4.25 -7.40 -0.04
C LYS C 61 3.69 -7.15 -1.42
N PHE C 62 2.85 -8.06 -1.88
CA PHE C 62 2.06 -7.86 -3.12
C PHE C 62 0.72 -7.27 -2.83
N GLU C 63 0.25 -6.36 -3.72
CA GLU C 63 -1.10 -5.89 -3.71
C GLU C 63 -1.65 -6.10 -5.08
N ILE C 64 -2.74 -6.81 -5.18
CA ILE C 64 -3.27 -7.19 -6.49
C ILE C 64 -4.73 -6.78 -6.52
N LEU C 65 -5.06 -5.83 -7.41
CA LEU C 65 -6.48 -5.47 -7.60
C LEU C 65 -7.06 -6.45 -8.60
N THR C 66 -8.08 -7.19 -8.20
CA THR C 66 -8.57 -8.29 -9.06
C THR C 66 -9.86 -7.96 -9.76
N GLU C 67 -10.15 -8.74 -10.81
CA GLU C 67 -11.35 -8.55 -11.61
C GLU C 67 -12.59 -9.00 -10.85
N THR C 68 -12.42 -10.04 -10.05
CA THR C 68 -13.51 -10.59 -9.27
C THR C 68 -12.97 -11.09 -7.90
N ARG C 69 -13.89 -11.47 -6.99
CA ARG C 69 -13.53 -12.13 -5.77
C ARG C 69 -12.95 -13.52 -6.09
N GLU C 70 -13.50 -14.18 -7.09
CA GLU C 70 -13.06 -15.52 -7.47
C GLU C 70 -11.63 -15.48 -7.93
N MET C 71 -11.25 -14.42 -8.63
CA MET C 71 -9.89 -14.31 -9.10
C MET C 71 -8.97 -14.21 -7.87
N ALA C 72 -9.32 -13.30 -6.95
CA ALA C 72 -8.50 -13.13 -5.74
C ALA C 72 -8.34 -14.43 -4.95
N GLU C 73 -9.42 -15.16 -4.84
CA GLU C 73 -9.42 -16.46 -4.09
C GLU C 73 -8.53 -17.45 -4.83
N GLU C 74 -8.59 -17.41 -6.16
CA GLU C 74 -7.76 -18.35 -6.92
C GLU C 74 -6.28 -18.09 -6.67
N ILE C 75 -5.86 -16.86 -6.74
CA ILE C 75 -4.47 -16.50 -6.47
C ILE C 75 -4.11 -16.93 -5.04
N ALA C 76 -4.93 -16.55 -4.08
CA ALA C 76 -4.67 -16.87 -2.69
C ALA C 76 -4.48 -18.32 -2.47
N ASP C 77 -5.46 -19.10 -2.95
CA ASP C 77 -5.42 -20.53 -2.74
C ASP C 77 -4.17 -21.18 -3.38
N ARG C 78 -3.81 -20.75 -4.58
CA ARG C 78 -2.59 -21.29 -5.26
C ARG C 78 -1.34 -20.97 -4.46
N VAL C 79 -1.25 -19.73 -4.00
CA VAL C 79 -0.03 -19.28 -3.27
C VAL C 79 0.06 -20.02 -1.98
N ALA C 80 -1.01 -20.05 -1.23
CA ALA C 80 -0.99 -20.68 0.09
C ALA C 80 -0.71 -22.18 0.01
N VAL C 81 -1.42 -22.89 -0.86
CA VAL C 81 -1.18 -24.36 -1.03
C VAL C 81 0.21 -24.61 -1.51
N LYS C 82 0.67 -23.84 -2.48
CA LYS C 82 1.99 -24.15 -3.07
C LYS C 82 3.10 -23.88 -2.04
N TYR C 83 2.96 -22.82 -1.23
CA TYR C 83 4.13 -22.28 -0.51
C TYR C 83 3.96 -22.22 0.98
N PHE C 84 2.77 -22.04 1.54
CA PHE C 84 2.72 -21.58 2.95
C PHE C 84 2.92 -22.63 4.02
N ASN C 85 3.02 -23.90 3.64
CA ASN C 85 3.47 -24.92 4.59
C ASN C 85 4.98 -24.83 4.76
N ASP C 86 5.66 -24.26 3.76
CA ASP C 86 7.09 -24.27 3.67
C ASP C 86 7.79 -22.93 3.79
N TYR C 87 7.02 -21.86 3.68
CA TYR C 87 7.47 -20.50 3.66
C TYR C 87 6.55 -19.66 4.53
N ALA C 88 7.14 -18.61 5.11
CA ALA C 88 6.34 -17.63 5.87
C ALA C 88 5.43 -16.85 4.91
N GLY C 89 4.31 -16.38 5.46
CA GLY C 89 3.45 -15.47 4.74
C GLY C 89 2.05 -15.43 5.26
N ILE C 90 1.36 -14.28 5.01
CA ILE C 90 -0.05 -14.17 5.28
CA ILE C 90 -0.04 -14.02 5.38
C ILE C 90 -0.69 -13.55 4.04
N ILE C 91 -2.01 -13.79 3.96
CA ILE C 91 -2.80 -13.28 2.83
C ILE C 91 -4.07 -12.70 3.38
N TYR C 92 -4.43 -11.52 2.94
CA TYR C 92 -5.72 -10.93 3.29
C TYR C 92 -6.29 -10.09 2.12
N ILE C 93 -7.59 -9.74 2.25
CA ILE C 93 -8.24 -8.97 1.21
C ILE C 93 -8.86 -7.72 1.83
N CYS C 94 -8.70 -6.60 1.10
CA CYS C 94 -9.33 -5.29 1.45
C CYS C 94 -10.27 -4.95 0.30
N SER C 95 -11.29 -4.14 0.63
CA SER C 95 -12.21 -3.67 -0.42
C SER C 95 -11.64 -2.40 -1.00
N ALA C 96 -11.65 -2.29 -2.31
CA ALA C 96 -11.16 -1.09 -2.98
C ALA C 96 -12.19 -0.64 -4.00
N GLU C 97 -12.12 0.61 -4.41
CA GLU C 97 -12.93 1.11 -5.51
C GLU C 97 -11.92 1.69 -6.48
N VAL C 98 -11.89 1.18 -7.69
CA VAL C 98 -11.00 1.70 -8.74
C VAL C 98 -11.54 2.97 -9.38
N LEU C 99 -10.70 3.97 -9.44
CA LEU C 99 -10.99 5.21 -10.13
C LEU C 99 -10.43 5.20 -11.50
N TYR C 100 -9.19 4.79 -11.63
CA TYR C 100 -8.48 4.73 -12.92
C TYR C 100 -7.66 3.51 -12.93
N GLY C 101 -8.01 2.59 -13.84
CA GLY C 101 -7.37 1.34 -13.88
C GLY C 101 -6.82 0.98 -15.26
N HIS C 102 -6.79 -0.32 -15.59
N HIS C 102 -6.86 -0.32 -15.58
CA HIS C 102 -6.40 -0.78 -16.94
CA HIS C 102 -6.37 -0.83 -16.87
C HIS C 102 -7.14 -0.05 -18.06
C HIS C 102 -7.15 -0.23 -18.05
N THR C 103 -8.40 0.19 -17.83
CA THR C 103 -9.29 0.80 -18.81
C THR C 103 -9.27 2.36 -18.85
N PHE C 104 -8.18 2.95 -18.33
CA PHE C 104 -7.99 4.38 -18.36
C PHE C 104 -8.42 5.00 -19.69
N ALA C 105 -7.94 4.45 -20.79
CA ALA C 105 -8.19 5.04 -22.10
C ALA C 105 -9.26 4.28 -22.90
N GLY C 106 -10.03 3.45 -22.16
CA GLY C 106 -11.21 2.77 -22.69
C GLY C 106 -10.98 1.43 -23.35
N PRO C 107 -12.02 0.85 -23.91
CA PRO C 107 -11.82 -0.48 -24.54
C PRO C 107 -11.02 -0.40 -25.84
N GLU C 108 -10.51 -1.54 -26.33
CA GLU C 108 -9.87 -1.64 -27.66
C GLU C 108 -10.90 -2.16 -28.65
N GLY C 109 -10.68 -2.00 -29.94
CA GLY C 109 -11.67 -2.47 -30.89
C GLY C 109 -12.75 -1.47 -31.20
N ALA C 110 -13.91 -1.97 -31.61
CA ALA C 110 -14.96 -1.12 -32.15
C ALA C 110 -15.71 -0.27 -31.10
N SER C 111 -15.68 -0.65 -29.82
CA SER C 111 -16.28 0.19 -28.78
C SER C 111 -15.27 1.22 -28.17
N ALA C 112 -14.12 1.37 -28.82
CA ALA C 112 -13.06 2.26 -28.29
C ALA C 112 -13.59 3.72 -28.43
N TRP C 113 -13.24 4.47 -27.38
CA TRP C 113 -13.41 5.93 -27.49
C TRP C 113 -12.09 6.69 -27.65
N SER C 114 -10.97 6.00 -27.49
CA SER C 114 -9.68 6.54 -28.00
C SER C 114 -8.97 5.37 -28.75
PG ATP D . 6.16 15.96 7.95
O1G ATP D . 6.37 14.63 7.29
O2G ATP D . 5.54 17.10 7.15
O3G ATP D . 7.49 16.51 8.56
PB ATP D . 4.52 16.60 10.25
O1B ATP D . 3.70 17.62 9.55
O2B ATP D . 5.54 17.10 11.27
O3B ATP D . 5.24 15.63 9.19
PA ATP D . 2.23 14.68 10.63
O1A ATP D . 2.05 13.84 11.78
O2A ATP D . 1.16 15.60 10.14
O3A ATP D . 3.56 15.52 11.04
O5' ATP D . 2.73 13.82 9.37
C5' ATP D . 3.73 12.77 9.53
C4' ATP D . 3.58 11.73 8.45
O4' ATP D . 2.23 11.18 8.43
C3' ATP D . 3.76 12.34 7.08
O3' ATP D . 5.14 12.43 6.66
C2' ATP D . 3.04 11.36 6.18
O2' ATP D . 3.78 10.19 5.89
C1' ATP D . 1.85 10.96 7.05
N9 ATP D . 0.64 11.76 6.81
C8 ATP D . 0.24 12.92 7.44
N7 ATP D . -0.89 13.35 6.94
C5 ATP D . -1.28 12.44 6.02
C6 ATP D . -2.42 12.31 5.14
N6 ATP D . -3.42 13.24 5.13
N1 ATP D . -2.47 11.31 4.26
C2 ATP D . -1.45 10.42 4.29
N3 ATP D . -0.36 10.44 5.04
C4 ATP D . -0.23 11.44 5.89
NA NA E . 4.62 19.02 7.88
CL CL F . 2.39 -0.22 1.42
PG ATP G . 4.33 -1.75 -16.18
O1G ATP G . 5.52 -1.17 -17.07
O2G ATP G . 4.66 -1.61 -14.75
O3G ATP G . 3.95 -3.14 -16.65
PB ATP G . 2.10 -0.48 -17.58
O1B ATP G . 1.52 -1.72 -18.10
O2B ATP G . 2.75 0.42 -18.58
O3B ATP G . 3.08 -0.78 -16.31
PA ATP G . -0.23 0.18 -15.85
O1A ATP G . -1.12 -0.95 -16.26
O2A ATP G . -0.80 1.54 -15.58
O3A ATP G . 0.97 0.46 -16.87
O5' ATP G . 0.51 -0.37 -14.53
C5' ATP G . 1.37 0.50 -13.76
C4' ATP G . 1.54 0.04 -12.36
O4' ATP G . 0.28 -0.05 -11.73
C3' ATP G . 2.09 -1.39 -12.28
O3' ATP G . 3.52 -1.40 -12.37
C2' ATP G . 1.66 -1.84 -10.92
O2' ATP G . 2.45 -1.37 -9.80
C1' ATP G . 0.29 -1.16 -10.84
N9 ATP G . -0.83 -2.04 -11.27
C8 ATP G . -1.40 -2.16 -12.50
N7 ATP G . -2.46 -2.96 -12.47
C5 ATP G . -2.51 -3.44 -11.21
C6 ATP G . -3.44 -4.28 -10.51
N6 ATP G . -4.43 -4.96 -11.08
N1 ATP G . -3.19 -4.54 -9.21
C2 ATP G . -2.26 -3.89 -8.54
N3 ATP G . -1.36 -3.04 -9.10
C4 ATP G . -1.49 -2.82 -10.42
NA NA H . 2.83 -3.60 -18.70
PG ATP I . 8.85 -14.22 10.51
O1G ATP I . 8.76 -14.20 12.03
O2G ATP I . 10.09 -15.09 10.10
O3G ATP I . 8.74 -12.88 9.78
PB ATP I . 6.98 -16.40 10.47
O1B ATP I . 7.90 -17.61 10.03
O2B ATP I . 6.58 -16.25 11.89
O3B ATP I . 7.58 -14.97 9.96
PA ATP I . 4.40 -15.63 9.34
O1A ATP I . 3.68 -15.65 10.66
O2A ATP I . 3.78 -16.19 8.15
O3A ATP I . 5.79 -16.39 9.41
O5' ATP I . 4.74 -14.11 9.02
C5' ATP I . 5.27 -13.72 7.74
C4' ATP I . 5.20 -12.23 7.60
O4' ATP I . 3.80 -11.85 7.54
C3' ATP I . 5.74 -11.43 8.74
O3' ATP I . 7.17 -11.19 8.67
C2' ATP I . 5.00 -10.14 8.62
O2' ATP I . 5.55 -9.27 7.57
C1' ATP I . 3.64 -10.60 8.16
N9 ATP I . 2.72 -10.85 9.28
C8 ATP I . 2.43 -11.99 9.98
N7 ATP I . 1.46 -11.76 10.91
C5 ATP I . 1.07 -10.45 10.78
C6 ATP I . 0.04 -9.62 11.43
N6 ATP I . -0.70 -10.15 12.41
N1 ATP I . 0.02 -8.32 11.02
C2 ATP I . 0.77 -7.89 10.02
N3 ATP I . 1.73 -8.58 9.34
C4 ATP I . 1.86 -9.87 9.71
NA NA J . 7.90 -15.77 13.59
OH2 1PE K . -7.08 -2.27 -13.53
C12 1PE K . -7.39 -1.92 -12.18
C22 1PE K . -7.76 -3.22 -11.46
OH3 1PE K . -9.11 -3.48 -11.75
C13 1PE K . -11.21 -4.51 -11.26
C23 1PE K . -9.72 -4.51 -10.93
OH4 1PE K . -11.99 -3.36 -10.94
C14 1PE K . -13.47 -1.54 -11.98
C24 1PE K . -13.12 -3.08 -11.83
OH5 1PE K . -13.39 -0.75 -13.25
C15 1PE K . -13.10 1.87 -13.51
C25 1PE K . -14.01 0.63 -13.43
OH6 1PE K . -13.60 3.15 -12.95
C26 1PE K . -14.89 3.67 -13.36
#